data_3ZJN
#
_entry.id   3ZJN
#
_cell.length_a   49.150
_cell.length_b   47.960
_cell.length_c   80.290
_cell.angle_alpha   90.00
_cell.angle_beta   106.66
_cell.angle_gamma   90.00
#
_symmetry.space_group_name_H-M   'P 1 21 1'
#
loop_
_entity.id
_entity.type
_entity.pdbx_description
1 polymer PROTOGLOBIN
2 non-polymer 'PROTOPORPHYRIN IX CONTAINING FE'
3 non-polymer 'CYANIDE ION'
4 non-polymer GLYCEROL
5 non-polymer 'PHOSPHATE ION'
6 water water
#
_entity_poly.entity_id   1
_entity_poly.type   'polypeptide(L)'
_entity_poly.pdbx_seq_one_letter_code
;MSVEKIPGYTYGETENRAPFNLEDLKLLKEAVMFTAEDEEYIQKAGEVLEDQVEEILDTWYGFVGSHPHLLYYFTSPDGT
PNEKYLAAVRKRFSRWILDTSNRSYDQAWLDYQYEIGLRHHRTKKNQTDNVESVPNIGYRYLVAFIYPITATMKPFLARK
GHTPEEVEKMYQAWFKATTLQVALWSYPYVKYGDF
;
_entity_poly.pdbx_strand_id   A,B
#
loop_
_chem_comp.id
_chem_comp.type
_chem_comp.name
_chem_comp.formula
CYN non-polymer 'CYANIDE ION' 'C N -1'
GOL non-polymer GLYCEROL 'C3 H8 O3'
HEM non-polymer 'PROTOPORPHYRIN IX CONTAINING FE' 'C34 H32 Fe N4 O4'
PO4 non-polymer 'PHOSPHATE ION' 'O4 P -3'
#
# COMPACT_ATOMS: atom_id res chain seq x y z
N ILE A 6 0.59 16.99 -23.59
CA ILE A 6 0.68 17.40 -22.17
C ILE A 6 2.14 17.61 -21.76
N PRO A 7 2.47 18.82 -21.25
CA PRO A 7 3.90 19.04 -21.02
C PRO A 7 4.45 18.06 -19.97
N GLY A 8 5.61 17.48 -20.29
CA GLY A 8 6.29 16.56 -19.38
C GLY A 8 5.82 15.13 -19.45
N TYR A 9 4.69 14.87 -20.10
CA TYR A 9 4.18 13.49 -20.23
C TYR A 9 4.88 12.76 -21.36
N THR A 10 5.62 11.71 -21.02
CA THR A 10 6.51 11.04 -22.01
C THR A 10 6.19 9.56 -22.13
N TYR A 11 4.95 9.19 -21.83
CA TYR A 11 4.51 7.79 -21.97
C TYR A 11 4.81 7.25 -23.35
N GLY A 12 5.56 6.15 -23.37
CA GLY A 12 5.89 5.51 -24.64
C GLY A 12 7.22 5.94 -25.19
N GLU A 13 7.78 7.00 -24.64
CA GLU A 13 9.03 7.50 -25.14
C GLU A 13 10.02 7.88 -24.06
N THR A 14 10.17 7.00 -23.06
CA THR A 14 11.01 7.27 -21.88
C THR A 14 12.54 7.11 -22.05
N GLU A 15 13.00 6.27 -22.98
CA GLU A 15 14.47 6.10 -23.19
C GLU A 15 15.29 5.52 -21.99
N ASN A 16 14.63 5.08 -20.91
CA ASN A 16 15.17 4.02 -20.03
C ASN A 16 14.17 2.89 -20.11
N ARG A 17 14.68 1.66 -20.22
CA ARG A 17 13.86 0.46 -20.03
C ARG A 17 13.72 0.20 -18.54
N ALA A 18 12.54 -0.22 -18.10
CA ALA A 18 12.33 -0.47 -16.65
C ALA A 18 13.24 -1.64 -16.23
N PRO A 19 13.67 -1.65 -14.98
CA PRO A 19 14.51 -2.68 -14.39
C PRO A 19 13.73 -3.89 -13.94
N PHE A 20 12.42 -3.84 -14.15
CA PHE A 20 11.53 -4.95 -13.96
C PHE A 20 10.87 -5.25 -15.28
N ASN A 21 10.56 -6.52 -15.47
CA ASN A 21 10.06 -6.98 -16.76
C ASN A 21 8.65 -7.58 -16.72
N LEU A 22 8.14 -8.03 -17.87
CA LEU A 22 6.73 -8.51 -17.96
C LEU A 22 6.44 -9.75 -17.11
N GLU A 23 7.45 -10.58 -16.91
CA GLU A 23 7.34 -11.72 -15.99
C GLU A 23 7.20 -11.23 -14.55
N ASP A 24 8.05 -10.25 -14.19
CA ASP A 24 7.91 -9.61 -12.87
C ASP A 24 6.51 -9.07 -12.72
N LEU A 25 5.98 -8.43 -13.78
CA LEU A 25 4.61 -7.86 -13.77
C LEU A 25 3.53 -8.93 -13.56
N LYS A 26 3.64 -10.03 -14.28
CA LYS A 26 2.76 -11.21 -14.12
C LYS A 26 2.75 -11.66 -12.65
N LEU A 27 3.93 -11.87 -12.05
CA LEU A 27 3.99 -12.28 -10.63
C LEU A 27 3.44 -11.24 -9.62
N LEU A 28 3.63 -9.95 -9.90
CA LEU A 28 3.14 -8.93 -9.02
C LEU A 28 1.65 -8.82 -9.17
N LYS A 29 1.12 -8.88 -10.40
CA LYS A 29 -0.34 -8.96 -10.60
C LYS A 29 -0.95 -10.09 -9.78
N GLU A 30 -0.25 -11.23 -9.72
CA GLU A 30 -0.79 -12.37 -8.96
C GLU A 30 -0.83 -12.01 -7.49
N ALA A 31 0.20 -11.29 -7.03
CA ALA A 31 0.27 -10.90 -5.60
C ALA A 31 -0.84 -9.91 -5.21
N VAL A 32 -1.30 -9.03 -6.12
CA VAL A 32 -2.44 -8.13 -5.85
C VAL A 32 -3.76 -8.65 -6.40
N MET A 33 -3.80 -9.95 -6.74
CA MET A 33 -5.04 -10.62 -7.16
C MET A 33 -5.68 -9.95 -8.39
N PHE A 34 -4.85 -9.41 -9.29
CA PHE A 34 -5.34 -8.67 -10.42
C PHE A 34 -5.41 -9.62 -11.62
N THR A 35 -6.59 -9.75 -12.23
CA THR A 35 -6.79 -10.68 -13.36
C THR A 35 -7.41 -9.96 -14.58
N ALA A 36 -7.64 -10.70 -15.68
CA ALA A 36 -8.50 -10.22 -16.77
C ALA A 36 -9.84 -9.59 -16.34
N GLU A 37 -10.42 -10.06 -15.22
CA GLU A 37 -11.66 -9.47 -14.72
C GLU A 37 -11.40 -8.01 -14.34
N ASP A 38 -10.26 -7.76 -13.71
CA ASP A 38 -9.93 -6.39 -13.28
C ASP A 38 -9.58 -5.51 -14.46
N GLU A 39 -8.98 -6.10 -15.50
CA GLU A 39 -8.76 -5.37 -16.73
C GLU A 39 -10.09 -4.81 -17.26
N GLU A 40 -11.12 -5.65 -17.28
CA GLU A 40 -12.46 -5.23 -17.72
C GLU A 40 -13.06 -4.12 -16.79
N TYR A 41 -12.98 -4.31 -15.48
CA TYR A 41 -13.62 -3.36 -14.60
C TYR A 41 -12.82 -2.05 -14.42
N ILE A 42 -11.50 -2.09 -14.55
CA ILE A 42 -10.76 -0.82 -14.56
C ILE A 42 -11.10 0.00 -15.81
N GLN A 43 -11.34 -0.66 -16.93
CA GLN A 43 -11.77 0.05 -18.14
C GLN A 43 -13.14 0.69 -17.88
N LYS A 44 -14.01 -0.02 -17.17
CA LYS A 44 -15.33 0.52 -16.87
C LYS A 44 -15.22 1.70 -15.92
N ALA A 45 -14.34 1.56 -14.90
CA ALA A 45 -14.01 2.66 -13.99
C ALA A 45 -13.58 3.92 -14.76
N GLY A 46 -12.73 3.73 -15.78
CA GLY A 46 -12.36 4.80 -16.72
C GLY A 46 -13.54 5.50 -17.31
N GLU A 47 -14.48 4.72 -17.82
CA GLU A 47 -15.63 5.27 -18.50
C GLU A 47 -16.43 6.14 -17.54
N VAL A 48 -16.52 5.70 -16.28
CA VAL A 48 -17.24 6.39 -15.25
C VAL A 48 -16.55 7.65 -14.79
N LEU A 49 -15.22 7.57 -14.58
CA LEU A 49 -14.42 8.68 -14.05
C LEU A 49 -14.04 9.76 -15.03
N GLU A 50 -14.01 9.44 -16.32
CA GLU A 50 -13.41 10.32 -17.34
C GLU A 50 -13.93 11.76 -17.30
N ASP A 51 -15.25 11.90 -17.23
CA ASP A 51 -15.84 13.22 -17.32
C ASP A 51 -16.03 13.86 -15.95
N GLN A 52 -15.47 13.21 -14.93
CA GLN A 52 -15.53 13.74 -13.57
C GLN A 52 -14.16 14.16 -13.11
N VAL A 53 -13.18 14.18 -14.01
CA VAL A 53 -11.80 14.38 -13.60
CA VAL A 53 -11.79 14.40 -13.60
C VAL A 53 -11.53 15.73 -12.89
N GLU A 54 -12.25 16.78 -13.26
CA GLU A 54 -11.98 18.07 -12.60
C GLU A 54 -12.33 18.03 -11.13
N GLU A 55 -13.43 17.36 -10.77
CA GLU A 55 -13.80 17.20 -9.37
CA GLU A 55 -13.80 17.21 -9.37
C GLU A 55 -12.87 16.24 -8.67
N ILE A 56 -12.46 15.19 -9.39
CA ILE A 56 -11.53 14.23 -8.82
C ILE A 56 -10.25 14.98 -8.43
N LEU A 57 -9.76 15.80 -9.36
CA LEU A 57 -8.51 16.52 -9.16
C LEU A 57 -8.59 17.45 -7.96
N ASP A 58 -9.70 18.17 -7.86
CA ASP A 58 -9.93 19.09 -6.72
C ASP A 58 -9.98 18.32 -5.41
N THR A 59 -10.57 17.13 -5.45
CA THR A 59 -10.72 16.33 -4.24
CA THR A 59 -10.73 16.34 -4.23
C THR A 59 -9.38 15.76 -3.81
N TRP A 60 -8.61 15.35 -4.80
CA TRP A 60 -7.30 14.75 -4.53
C TRP A 60 -6.27 15.81 -4.02
N TYR A 61 -6.11 16.89 -4.79
CA TYR A 61 -5.19 17.94 -4.42
C TYR A 61 -5.70 18.78 -3.24
N GLY A 62 -7.02 18.78 -3.03
CA GLY A 62 -7.56 19.32 -1.77
C GLY A 62 -7.07 18.56 -0.57
N PHE A 63 -7.00 17.24 -0.67
CA PHE A 63 -6.46 16.45 0.45
C PHE A 63 -4.97 16.74 0.61
N VAL A 64 -4.23 16.74 -0.52
CA VAL A 64 -2.79 16.99 -0.39
C VAL A 64 -2.57 18.39 0.27
N GLY A 65 -3.36 19.35 -0.20
CA GLY A 65 -3.24 20.74 0.28
C GLY A 65 -3.68 20.96 1.73
N SER A 66 -4.38 19.98 2.29
CA SER A 66 -4.97 20.06 3.64
C SER A 66 -3.99 19.81 4.77
N HIS A 67 -2.84 19.22 4.45
CA HIS A 67 -1.81 18.91 5.46
CA HIS A 67 -1.83 18.88 5.45
C HIS A 67 -0.51 19.49 5.01
N PRO A 68 0.09 20.37 5.84
CA PRO A 68 1.31 21.03 5.44
C PRO A 68 2.43 20.08 5.03
N HIS A 69 2.49 18.91 5.66
CA HIS A 69 3.60 17.97 5.45
C HIS A 69 3.42 17.16 4.15
N LEU A 70 2.23 17.25 3.57
CA LEU A 70 1.99 16.66 2.23
C LEU A 70 2.15 17.73 1.16
N LEU A 71 1.49 18.87 1.32
CA LEU A 71 1.64 19.98 0.40
C LEU A 71 3.14 20.38 0.28
N TYR A 72 3.89 20.24 1.40
CA TYR A 72 5.36 20.34 1.37
C TYR A 72 6.06 19.89 0.05
N TYR A 73 5.63 18.76 -0.50
CA TYR A 73 6.36 18.15 -1.62
C TYR A 73 6.20 18.96 -2.87
N PHE A 74 5.28 19.93 -2.86
CA PHE A 74 5.06 20.84 -4.00
C PHE A 74 5.60 22.24 -3.73
N THR A 75 6.18 22.45 -2.56
CA THR A 75 6.62 23.81 -2.16
C THR A 75 7.94 24.30 -2.76
N SER A 76 8.01 25.62 -2.89
CA SER A 76 9.26 26.32 -3.20
C SER A 76 10.10 26.38 -1.94
N PRO A 77 11.38 26.76 -2.06
CA PRO A 77 12.22 26.92 -0.84
C PRO A 77 11.61 27.77 0.25
N ASP A 78 10.86 28.82 -0.14
CA ASP A 78 10.18 29.66 0.87
C ASP A 78 9.01 29.02 1.60
N GLY A 79 8.75 27.74 1.33
CA GLY A 79 7.68 27.01 2.08
C GLY A 79 6.28 27.20 1.51
N THR A 80 6.17 27.98 0.44
CA THR A 80 4.86 28.21 -0.24
C THR A 80 4.69 27.30 -1.45
N PRO A 81 3.44 26.89 -1.73
CA PRO A 81 3.26 25.96 -2.81
C PRO A 81 3.70 26.60 -4.11
N ASN A 82 4.40 25.84 -4.95
CA ASN A 82 4.75 26.30 -6.29
C ASN A 82 3.56 26.02 -7.23
N GLU A 83 2.85 27.08 -7.59
CA GLU A 83 1.62 26.92 -8.39
C GLU A 83 1.87 26.45 -9.83
N LYS A 84 3.01 26.85 -10.41
CA LYS A 84 3.41 26.31 -11.72
C LYS A 84 3.57 24.79 -11.62
N TYR A 85 4.21 24.34 -10.53
CA TYR A 85 4.53 22.93 -10.33
C TYR A 85 3.24 22.13 -10.16
N LEU A 86 2.40 22.56 -9.22
CA LEU A 86 1.08 21.95 -9.00
C LEU A 86 0.27 21.83 -10.33
N ALA A 87 0.15 22.96 -11.06
CA ALA A 87 -0.61 23.01 -12.34
C ALA A 87 -0.10 21.98 -13.38
N ALA A 88 1.21 21.91 -13.54
CA ALA A 88 1.80 21.03 -14.55
C ALA A 88 1.63 19.58 -14.13
N VAL A 89 1.81 19.29 -12.83
CA VAL A 89 1.61 17.92 -12.35
C VAL A 89 0.17 17.48 -12.46
N ARG A 90 -0.73 18.40 -12.13
CA ARG A 90 -2.15 18.14 -12.22
CA ARG A 90 -2.15 18.15 -12.21
C ARG A 90 -2.52 17.56 -13.56
N LYS A 91 -1.99 18.16 -14.65
CA LYS A 91 -2.34 17.65 -16.00
C LYS A 91 -1.88 16.22 -16.25
N ARG A 92 -0.71 15.86 -15.72
CA ARG A 92 -0.21 14.50 -15.83
C ARG A 92 -0.98 13.53 -14.91
N PHE A 93 -1.38 13.99 -13.74
CA PHE A 93 -2.16 13.14 -12.85
C PHE A 93 -3.51 12.82 -13.51
N SER A 94 -4.14 13.85 -14.07
CA SER A 94 -5.38 13.67 -14.83
C SER A 94 -5.22 12.58 -15.92
N ARG A 95 -4.10 12.60 -16.64
CA ARG A 95 -3.85 11.67 -17.70
C ARG A 95 -3.66 10.27 -17.12
N TRP A 96 -3.04 10.21 -15.94
CA TRP A 96 -2.78 8.93 -15.26
C TRP A 96 -4.05 8.19 -14.90
N ILE A 97 -5.09 8.92 -14.56
CA ILE A 97 -6.40 8.34 -14.30
C ILE A 97 -6.86 7.60 -15.55
N LEU A 98 -6.69 8.23 -16.71
CA LEU A 98 -7.08 7.57 -17.97
C LEU A 98 -6.15 6.42 -18.32
N ASP A 99 -4.84 6.63 -18.19
CA ASP A 99 -3.85 5.60 -18.51
C ASP A 99 -4.09 4.34 -17.68
N THR A 100 -4.34 4.52 -16.37
CA THR A 100 -4.58 3.38 -15.52
C THR A 100 -5.80 2.57 -16.03
N SER A 101 -6.81 3.26 -16.49
CA SER A 101 -8.02 2.59 -16.98
C SER A 101 -7.93 2.01 -18.41
N ASN A 102 -7.17 2.67 -19.29
CA ASN A 102 -7.21 2.43 -20.76
C ASN A 102 -6.00 1.77 -21.40
N ARG A 103 -4.83 1.90 -20.78
CA ARG A 103 -3.63 1.28 -21.31
C ARG A 103 -3.61 -0.21 -21.05
N SER A 104 -3.10 -0.95 -22.03
CA SER A 104 -2.61 -2.31 -21.75
C SER A 104 -1.41 -2.19 -20.82
N TYR A 105 -1.37 -3.02 -19.78
CA TYR A 105 -0.24 -3.01 -18.87
C TYR A 105 0.87 -3.80 -19.50
N ASP A 106 1.46 -3.24 -20.58
CA ASP A 106 2.53 -3.87 -21.32
C ASP A 106 3.90 -3.22 -21.06
N GLN A 107 4.86 -3.39 -21.98
CA GLN A 107 6.18 -2.94 -21.65
C GLN A 107 6.27 -1.42 -21.59
N ALA A 108 5.54 -0.73 -22.46
CA ALA A 108 5.59 0.70 -22.47
C ALA A 108 4.99 1.23 -21.16
N TRP A 109 3.95 0.56 -20.69
CA TRP A 109 3.34 0.90 -19.37
C TRP A 109 4.36 0.69 -18.27
N LEU A 110 5.04 -0.46 -18.29
CA LEU A 110 6.04 -0.73 -17.26
C LEU A 110 7.13 0.31 -17.28
N ASP A 111 7.59 0.68 -18.50
CA ASP A 111 8.61 1.69 -18.59
C ASP A 111 8.18 3.05 -17.98
N TYR A 112 6.90 3.40 -18.12
CA TYR A 112 6.39 4.66 -17.59
C TYR A 112 6.24 4.56 -16.08
N GLN A 113 5.96 3.35 -15.62
CA GLN A 113 5.86 3.16 -14.14
C GLN A 113 7.22 3.37 -13.50
N TYR A 114 8.30 2.96 -14.18
CA TYR A 114 9.64 3.22 -13.67
C TYR A 114 9.85 4.75 -13.64
N GLU A 115 9.56 5.42 -14.75
CA GLU A 115 9.63 6.85 -14.80
C GLU A 115 8.84 7.60 -13.73
N ILE A 116 7.59 7.21 -13.48
CA ILE A 116 6.78 7.88 -12.43
C ILE A 116 7.42 7.69 -11.06
N GLY A 117 7.94 6.49 -10.79
CA GLY A 117 8.66 6.28 -9.52
C GLY A 117 9.90 7.17 -9.45
N LEU A 118 10.63 7.27 -10.57
CA LEU A 118 11.86 8.09 -10.60
C LEU A 118 11.55 9.58 -10.34
N ARG A 119 10.38 10.02 -10.78
CA ARG A 119 9.94 11.42 -10.64
C ARG A 119 9.45 11.76 -9.21
N HIS A 120 8.90 10.80 -8.50
CA HIS A 120 8.63 11.03 -7.04
C HIS A 120 9.92 11.01 -6.27
N HIS A 121 10.83 10.13 -6.69
CA HIS A 121 12.09 9.92 -6.01
C HIS A 121 13.08 11.07 -6.31
N ARG A 122 14.11 11.18 -5.48
CA ARG A 122 15.15 12.18 -5.69
C ARG A 122 15.86 12.10 -7.07
N THR A 123 15.88 10.91 -7.64
CA THR A 123 16.49 10.72 -8.98
C THR A 123 16.03 11.74 -10.03
N LYS A 124 14.71 11.93 -10.15
CA LYS A 124 14.19 12.80 -11.20
C LYS A 124 13.19 13.86 -10.71
N LYS A 125 12.90 13.88 -9.41
CA LYS A 125 11.99 14.91 -8.93
C LYS A 125 12.47 16.33 -9.31
N ASN A 126 11.51 17.15 -9.75
CA ASN A 126 11.63 18.60 -10.04
C ASN A 126 12.18 18.83 -11.43
N GLN A 127 12.61 17.77 -12.09
CA GLN A 127 13.30 17.90 -13.37
C GLN A 127 12.35 18.07 -14.52
N THR A 128 11.23 17.37 -14.46
CA THR A 128 10.29 17.40 -15.57
C THR A 128 9.74 18.81 -15.83
N ASP A 129 9.46 19.50 -14.75
CA ASP A 129 8.92 20.86 -14.78
C ASP A 129 9.90 21.96 -14.52
N ASN A 130 11.14 21.58 -14.23
CA ASN A 130 12.24 22.52 -14.07
C ASN A 130 11.92 23.50 -12.98
N VAL A 131 11.57 22.96 -11.81
CA VAL A 131 11.21 23.77 -10.66
C VAL A 131 12.18 23.57 -9.50
N GLU A 132 12.25 24.59 -8.65
CA GLU A 132 13.01 24.47 -7.41
C GLU A 132 12.06 24.04 -6.29
N SER A 133 12.15 22.78 -5.87
CA SER A 133 11.28 22.30 -4.82
C SER A 133 12.08 21.32 -3.97
N VAL A 134 11.41 20.56 -3.10
CA VAL A 134 12.11 19.67 -2.17
C VAL A 134 12.66 18.45 -2.96
N PRO A 135 13.77 17.84 -2.50
CA PRO A 135 14.47 16.89 -3.40
C PRO A 135 13.82 15.51 -3.56
N ASN A 136 13.05 15.07 -2.56
CA ASN A 136 12.62 13.70 -2.51
C ASN A 136 11.29 13.60 -1.82
N ILE A 137 10.40 12.77 -2.37
CA ILE A 137 9.17 12.45 -1.62
C ILE A 137 9.41 11.20 -0.80
N GLY A 138 9.39 11.34 0.52
CA GLY A 138 9.68 10.20 1.37
C GLY A 138 8.80 9.00 1.04
N TYR A 139 9.43 7.83 0.91
CA TYR A 139 8.70 6.66 0.48
C TYR A 139 7.50 6.32 1.36
N ARG A 140 7.64 6.56 2.65
CA ARG A 140 6.53 6.29 3.57
C ARG A 140 5.21 6.84 3.03
N TYR A 141 5.26 8.01 2.35
CA TYR A 141 4.03 8.63 1.87
C TYR A 141 3.51 8.05 0.60
N LEU A 142 4.41 7.56 -0.27
CA LEU A 142 3.93 6.91 -1.50
C LEU A 142 3.07 5.68 -1.16
N VAL A 143 3.53 4.86 -0.21
CA VAL A 143 2.73 3.72 0.24
C VAL A 143 1.45 4.22 0.89
N ALA A 144 1.60 5.16 1.84
CA ALA A 144 0.43 5.73 2.54
C ALA A 144 -0.65 6.11 1.53
N PHE A 145 -0.20 6.72 0.43
CA PHE A 145 -1.16 7.35 -0.46
C PHE A 145 -2.00 6.36 -1.27
N ILE A 146 -1.64 5.07 -1.26
CA ILE A 146 -2.55 4.06 -1.80
C ILE A 146 -3.97 4.26 -1.22
N TYR A 147 -4.05 4.43 0.11
CA TYR A 147 -5.34 4.57 0.69
C TYR A 147 -6.15 5.80 0.14
N PRO A 148 -5.62 7.03 0.28
CA PRO A 148 -6.39 8.19 -0.15
C PRO A 148 -6.70 8.18 -1.62
N ILE A 149 -5.85 7.57 -2.44
CA ILE A 149 -6.22 7.47 -3.86
CA ILE A 149 -6.20 7.43 -3.87
C ILE A 149 -7.56 6.70 -3.99
N THR A 150 -7.69 5.56 -3.30
CA THR A 150 -8.91 4.75 -3.39
C THR A 150 -10.12 5.46 -2.76
N ALA A 151 -9.89 6.14 -1.62
CA ALA A 151 -10.99 6.82 -0.98
C ALA A 151 -11.45 8.04 -1.75
N THR A 152 -10.56 8.59 -2.61
CA THR A 152 -10.90 9.72 -3.46
CA THR A 152 -10.89 9.71 -3.47
C THR A 152 -11.75 9.22 -4.64
N MET A 153 -11.32 8.13 -5.27
CA MET A 153 -12.10 7.54 -6.39
C MET A 153 -13.48 6.98 -6.00
N LYS A 154 -13.58 6.39 -4.81
CA LYS A 154 -14.82 5.69 -4.44
C LYS A 154 -16.15 6.45 -4.73
N PRO A 155 -16.29 7.70 -4.22
CA PRO A 155 -17.60 8.32 -4.40
C PRO A 155 -17.93 8.60 -5.86
N PHE A 156 -16.93 8.96 -6.68
CA PHE A 156 -17.13 9.16 -8.12
C PHE A 156 -17.51 7.91 -8.87
N LEU A 157 -17.05 6.75 -8.38
CA LEU A 157 -17.38 5.52 -9.06
C LEU A 157 -18.87 5.16 -9.01
N ALA A 158 -19.60 5.76 -8.06
CA ALA A 158 -21.01 5.50 -7.89
C ALA A 158 -21.91 6.55 -8.55
N ARG A 159 -21.32 7.55 -9.22
CA ARG A 159 -22.06 8.73 -9.66
C ARG A 159 -22.74 8.61 -11.01
N LYS A 160 -22.60 7.45 -11.67
CA LYS A 160 -23.28 7.19 -12.94
C LYS A 160 -24.33 6.08 -12.82
N GLY A 161 -24.78 5.79 -11.59
CA GLY A 161 -25.94 4.91 -11.40
C GLY A 161 -25.62 3.43 -11.36
N HIS A 162 -24.33 3.08 -11.34
CA HIS A 162 -24.00 1.65 -11.20
C HIS A 162 -24.43 1.12 -9.83
N THR A 163 -24.78 -0.18 -9.79
CA THR A 163 -25.29 -0.84 -8.61
C THR A 163 -24.11 -0.98 -7.65
N PRO A 164 -24.37 -1.18 -6.35
CA PRO A 164 -23.26 -1.35 -5.41
C PRO A 164 -22.31 -2.49 -5.80
N GLU A 165 -22.89 -3.55 -6.37
CA GLU A 165 -22.10 -4.70 -6.80
C GLU A 165 -21.12 -4.31 -7.92
N GLU A 166 -21.57 -3.53 -8.89
CA GLU A 166 -20.69 -3.06 -9.96
C GLU A 166 -19.66 -2.01 -9.50
N VAL A 167 -20.09 -1.07 -8.64
CA VAL A 167 -19.18 -0.06 -8.04
C VAL A 167 -18.06 -0.78 -7.29
N GLU A 168 -18.39 -1.83 -6.56
CA GLU A 168 -17.41 -2.55 -5.76
C GLU A 168 -16.36 -3.19 -6.69
N LYS A 169 -16.80 -3.78 -7.79
CA LYS A 169 -15.82 -4.31 -8.77
C LYS A 169 -14.89 -3.22 -9.35
N MET A 170 -15.44 -2.07 -9.71
CA MET A 170 -14.62 -0.99 -10.22
C MET A 170 -13.64 -0.49 -9.15
N TYR A 171 -14.14 -0.33 -7.93
CA TYR A 171 -13.35 0.11 -6.78
C TYR A 171 -12.21 -0.85 -6.44
N GLN A 172 -12.53 -2.15 -6.38
CA GLN A 172 -11.51 -3.15 -6.12
C GLN A 172 -10.46 -3.18 -7.24
N ALA A 173 -10.91 -3.03 -8.49
CA ALA A 173 -9.94 -2.99 -9.56
C ALA A 173 -8.99 -1.81 -9.42
N TRP A 174 -9.54 -0.65 -9.05
CA TRP A 174 -8.77 0.55 -8.85
C TRP A 174 -7.75 0.35 -7.75
N PHE A 175 -8.22 -0.24 -6.65
CA PHE A 175 -7.35 -0.50 -5.50
C PHE A 175 -6.17 -1.41 -5.90
N LYS A 176 -6.47 -2.54 -6.51
CA LYS A 176 -5.43 -3.42 -7.01
C LYS A 176 -4.42 -2.70 -7.93
N ALA A 177 -4.95 -1.94 -8.90
CA ALA A 177 -4.08 -1.29 -9.86
C ALA A 177 -3.25 -0.19 -9.24
N THR A 178 -3.77 0.46 -8.20
CA THR A 178 -3.03 1.52 -7.53
C THR A 178 -1.91 0.87 -6.66
N THR A 179 -2.25 -0.20 -5.97
CA THR A 179 -1.25 -0.92 -5.17
C THR A 179 -0.14 -1.48 -6.05
N LEU A 180 -0.51 -2.08 -7.18
CA LEU A 180 0.45 -2.62 -8.14
C LEU A 180 1.45 -1.53 -8.54
N GLN A 181 0.94 -0.35 -8.93
CA GLN A 181 1.82 0.72 -9.38
C GLN A 181 2.74 1.22 -8.28
N VAL A 182 2.21 1.46 -7.08
CA VAL A 182 3.09 1.96 -6.02
C VAL A 182 4.20 0.90 -5.72
N ALA A 183 3.85 -0.39 -5.79
CA ALA A 183 4.84 -1.48 -5.64
C ALA A 183 5.99 -1.31 -6.66
N LEU A 184 5.65 -0.96 -7.90
CA LEU A 184 6.66 -0.81 -8.90
C LEU A 184 7.45 0.49 -8.65
N TRP A 185 6.74 1.54 -8.21
CA TRP A 185 7.38 2.81 -7.95
C TRP A 185 8.41 2.75 -6.85
N SER A 186 8.29 1.74 -5.98
CA SER A 186 9.28 1.50 -4.96
C SER A 186 10.69 1.25 -5.46
N TYR A 187 10.83 0.86 -6.72
CA TYR A 187 12.12 0.38 -7.18
C TYR A 187 13.26 1.37 -6.87
N PRO A 188 13.12 2.64 -7.34
CA PRO A 188 14.27 3.55 -7.11
C PRO A 188 14.52 3.89 -5.64
N TYR A 189 13.50 3.66 -4.80
CA TYR A 189 13.65 3.91 -3.36
C TYR A 189 14.33 2.79 -2.58
N VAL A 190 14.29 1.59 -3.14
CA VAL A 190 14.68 0.37 -2.39
C VAL A 190 16.15 0.08 -2.61
N LYS A 191 16.86 -0.25 -1.52
CA LYS A 191 18.27 -0.65 -1.58
C LYS A 191 18.47 -1.75 -2.63
N TYR A 192 19.54 -1.63 -3.43
CA TYR A 192 19.73 -2.52 -4.56
C TYR A 192 19.75 -3.98 -4.07
N GLY A 193 18.98 -4.83 -4.74
CA GLY A 193 18.88 -6.23 -4.39
C GLY A 193 17.75 -6.55 -3.44
N ASP A 194 17.09 -5.51 -2.92
CA ASP A 194 16.03 -5.74 -1.90
C ASP A 194 14.58 -5.63 -2.43
N PHE A 195 14.43 -5.41 -3.74
CA PHE A 195 13.13 -5.13 -4.32
C PHE A 195 12.44 -6.45 -4.76
N LYS B 5 3.01 -18.00 26.47
CA LYS B 5 3.70 -17.09 25.47
C LYS B 5 3.76 -17.68 24.07
N ILE B 6 3.58 -16.80 23.10
CA ILE B 6 3.75 -17.13 21.69
C ILE B 6 5.22 -17.07 21.33
N PRO B 7 5.77 -18.20 20.81
CA PRO B 7 7.20 -18.16 20.48
C PRO B 7 7.58 -17.08 19.46
N GLY B 8 8.62 -16.32 19.80
CA GLY B 8 9.13 -15.26 18.94
C GLY B 8 8.45 -13.91 19.05
N TYR B 9 7.30 -13.87 19.71
CA TYR B 9 6.51 -12.62 19.79
C TYR B 9 7.05 -11.80 20.96
N THR B 10 7.64 -10.65 20.64
CA THR B 10 8.43 -9.89 21.60
C THR B 10 7.89 -8.46 21.70
N TYR B 11 6.61 -8.28 21.41
CA TYR B 11 5.98 -6.97 21.53
C TYR B 11 6.27 -6.35 22.90
N GLY B 12 6.73 -5.09 22.90
CA GLY B 12 7.04 -4.35 24.14
C GLY B 12 8.38 -4.72 24.76
N GLU B 13 9.14 -5.58 24.08
CA GLU B 13 10.42 -6.02 24.59
C GLU B 13 11.49 -6.09 23.50
N THR B 14 11.38 -5.22 22.49
CA THR B 14 12.27 -5.26 21.31
C THR B 14 13.70 -4.79 21.63
N GLU B 15 13.83 -3.94 22.65
CA GLU B 15 15.15 -3.42 23.06
C GLU B 15 15.94 -2.77 21.90
N ASN B 16 15.23 -2.30 20.89
CA ASN B 16 15.71 -1.29 19.96
C ASN B 16 14.53 -0.40 19.67
N ARG B 17 14.76 0.90 19.82
CA ARG B 17 13.79 1.93 19.51
C ARG B 17 13.66 2.14 17.99
N ALA B 18 12.43 2.22 17.51
CA ALA B 18 12.17 2.49 16.07
C ALA B 18 12.84 3.82 15.64
N PRO B 19 13.30 3.90 14.38
CA PRO B 19 13.89 5.09 13.82
C PRO B 19 12.86 6.18 13.46
N PHE B 20 11.60 5.82 13.48
CA PHE B 20 10.51 6.76 13.39
C PHE B 20 9.85 6.98 14.75
N ASN B 21 9.39 8.20 14.96
CA ASN B 21 8.85 8.63 16.23
C ASN B 21 7.33 8.86 16.22
N LEU B 22 6.76 9.22 17.36
CA LEU B 22 5.32 9.41 17.47
CA LEU B 22 5.32 9.39 17.45
C LEU B 22 4.81 10.52 16.56
N GLU B 23 5.62 11.56 16.36
CA GLU B 23 5.22 12.64 15.44
C GLU B 23 5.18 12.11 14.01
N ASP B 24 6.20 11.36 13.62
CA ASP B 24 6.16 10.65 12.33
C ASP B 24 4.84 9.84 12.21
N LEU B 25 4.43 9.12 13.28
CA LEU B 25 3.23 8.29 13.27
C LEU B 25 1.98 9.15 13.06
N LYS B 26 1.91 10.28 13.75
CA LYS B 26 0.82 11.24 13.60
C LYS B 26 0.66 11.66 12.13
N LEU B 27 1.80 12.02 11.52
CA LEU B 27 1.79 12.58 10.16
C LEU B 27 1.45 11.47 9.17
N LEU B 28 1.87 10.25 9.46
CA LEU B 28 1.57 9.13 8.58
C LEU B 28 0.10 8.74 8.70
N LYS B 29 -0.46 8.72 9.90
CA LYS B 29 -1.91 8.57 10.12
C LYS B 29 -2.69 9.57 9.30
N GLU B 30 -2.22 10.83 9.28
CA GLU B 30 -2.89 11.85 8.46
C GLU B 30 -2.82 11.49 6.98
N ALA B 31 -1.70 10.90 6.57
CA ALA B 31 -1.52 10.55 5.14
C ALA B 31 -2.45 9.38 4.73
N VAL B 32 -2.80 8.51 5.66
CA VAL B 32 -3.80 7.43 5.37
C VAL B 32 -5.21 7.77 5.91
N MET B 33 -5.42 9.05 6.23
CA MET B 33 -6.77 9.56 6.56
C MET B 33 -7.35 8.87 7.79
N PHE B 34 -6.47 8.50 8.74
CA PHE B 34 -6.87 7.71 9.90
C PHE B 34 -7.19 8.67 11.04
N THR B 35 -8.38 8.55 11.62
CA THR B 35 -8.83 9.47 12.69
C THR B 35 -9.39 8.68 13.87
N ALA B 36 -9.90 9.41 14.87
CA ALA B 36 -10.64 8.77 15.95
C ALA B 36 -11.81 7.89 15.48
N GLU B 37 -12.42 8.21 14.33
CA GLU B 37 -13.50 7.39 13.80
C GLU B 37 -12.96 6.04 13.47
N ASP B 38 -11.76 5.99 12.88
CA ASP B 38 -11.15 4.67 12.57
C ASP B 38 -10.67 3.92 13.85
N GLU B 39 -10.28 4.66 14.89
CA GLU B 39 -9.98 4.01 16.16
C GLU B 39 -11.19 3.21 16.68
N GLU B 40 -12.38 3.80 16.59
CA GLU B 40 -13.61 3.13 17.00
C GLU B 40 -13.87 1.85 16.16
N TYR B 41 -13.76 1.95 14.84
CA TYR B 41 -14.05 0.82 14.00
C TYR B 41 -12.91 -0.21 13.88
N ILE B 42 -11.64 0.14 14.09
CA ILE B 42 -10.62 -0.92 14.12
CA ILE B 42 -10.65 -0.95 14.12
C ILE B 42 -10.82 -1.78 15.39
N GLN B 43 -11.25 -1.16 16.47
CA GLN B 43 -11.50 -1.99 17.63
C GLN B 43 -12.74 -2.84 17.43
N LYS B 44 -13.76 -2.30 16.71
CA LYS B 44 -14.95 -3.11 16.43
C LYS B 44 -14.57 -4.30 15.53
N ALA B 45 -13.73 -4.05 14.52
CA ALA B 45 -13.22 -5.10 13.63
C ALA B 45 -12.56 -6.23 14.44
N GLY B 46 -11.77 -5.86 15.43
CA GLY B 46 -11.20 -6.87 16.36
C GLY B 46 -12.24 -7.75 17.01
N GLU B 47 -13.32 -7.15 17.47
CA GLU B 47 -14.35 -7.88 18.19
C GLU B 47 -14.97 -8.89 17.24
N VAL B 48 -15.07 -8.50 15.97
CA VAL B 48 -15.62 -9.37 14.92
C VAL B 48 -14.66 -10.47 14.48
N LEU B 49 -13.41 -10.10 14.28
CA LEU B 49 -12.41 -11.04 13.73
C LEU B 49 -11.88 -12.04 14.75
N GLU B 50 -11.91 -11.70 16.05
CA GLU B 50 -11.19 -12.51 17.03
C GLU B 50 -11.61 -13.98 17.11
N ASP B 51 -12.92 -14.22 16.94
CA ASP B 51 -13.48 -15.56 17.01
C ASP B 51 -13.37 -16.34 15.69
N GLN B 52 -12.86 -15.71 14.65
CA GLN B 52 -12.78 -16.29 13.31
C GLN B 52 -11.35 -16.48 12.87
N VAL B 53 -10.40 -16.27 13.77
CA VAL B 53 -9.00 -16.23 13.33
C VAL B 53 -8.49 -17.51 12.67
N GLU B 54 -8.96 -18.68 13.11
CA GLU B 54 -8.53 -19.93 12.47
C GLU B 54 -8.89 -19.97 11.00
N GLU B 55 -10.10 -19.55 10.67
CA GLU B 55 -10.48 -19.55 9.25
CA GLU B 55 -10.53 -19.51 9.26
C GLU B 55 -9.84 -18.40 8.48
N ILE B 56 -9.60 -17.26 9.15
CA ILE B 56 -8.84 -16.18 8.53
C ILE B 56 -7.40 -16.64 8.15
N LEU B 57 -6.72 -17.28 9.11
CA LEU B 57 -5.37 -17.84 8.91
C LEU B 57 -5.34 -18.85 7.74
N ASP B 58 -6.32 -19.76 7.72
CA ASP B 58 -6.43 -20.73 6.62
C ASP B 58 -6.63 -20.05 5.29
N THR B 59 -7.41 -18.98 5.27
CA THR B 59 -7.67 -18.27 4.01
C THR B 59 -6.43 -17.52 3.56
N TRP B 60 -5.79 -16.82 4.48
CA TRP B 60 -4.61 -16.01 4.16
C TRP B 60 -3.49 -16.93 3.71
N TYR B 61 -3.16 -17.97 4.49
CA TYR B 61 -2.02 -18.81 4.12
C TYR B 61 -2.33 -19.75 2.95
N GLY B 62 -3.64 -19.93 2.69
CA GLY B 62 -4.08 -20.61 1.49
C GLY B 62 -3.74 -19.77 0.29
N PHE B 63 -3.96 -18.44 0.37
CA PHE B 63 -3.59 -17.57 -0.74
C PHE B 63 -2.06 -17.60 -0.97
N VAL B 64 -1.27 -17.43 0.09
CA VAL B 64 0.19 -17.48 -0.01
C VAL B 64 0.63 -18.81 -0.63
N GLY B 65 0.04 -19.91 -0.14
CA GLY B 65 0.39 -21.27 -0.60
C GLY B 65 0.00 -21.63 -2.04
N SER B 66 -0.88 -20.84 -2.62
CA SER B 66 -1.45 -21.10 -3.94
C SER B 66 -0.56 -20.53 -5.07
N HIS B 67 0.47 -19.75 -4.69
CA HIS B 67 1.39 -19.15 -5.65
CA HIS B 67 1.40 -19.17 -5.66
C HIS B 67 2.82 -19.55 -5.29
N PRO B 68 3.53 -20.30 -6.18
CA PRO B 68 4.86 -20.78 -5.86
C PRO B 68 5.82 -19.67 -5.44
N HIS B 69 5.69 -18.49 -6.03
CA HIS B 69 6.63 -17.40 -5.81
C HIS B 69 6.37 -16.63 -4.48
N LEU B 70 5.23 -16.94 -3.87
CA LEU B 70 4.89 -16.34 -2.56
C LEU B 70 5.21 -17.37 -1.49
N LEU B 71 4.78 -18.62 -1.68
CA LEU B 71 5.14 -19.68 -0.73
C LEU B 71 6.65 -19.82 -0.67
N TYR B 72 7.34 -19.54 -1.80
CA TYR B 72 8.81 -19.42 -1.81
C TYR B 72 9.43 -18.83 -0.53
N TYR B 73 8.85 -17.77 0.04
CA TYR B 73 9.51 -17.06 1.16
C TYR B 73 9.50 -17.85 2.46
N PHE B 74 8.76 -18.95 2.50
CA PHE B 74 8.76 -19.88 3.65
C PHE B 74 9.48 -21.19 3.35
N THR B 75 10.13 -21.31 2.19
CA THR B 75 10.79 -22.56 1.83
C THR B 75 12.19 -22.72 2.41
N SER B 76 12.53 -23.99 2.58
CA SER B 76 13.90 -24.36 2.92
C SER B 76 14.81 -24.13 1.71
N PRO B 77 16.15 -24.13 1.91
CA PRO B 77 16.99 -23.88 0.74
C PRO B 77 16.77 -24.83 -0.44
N ASP B 78 16.38 -26.07 -0.16
CA ASP B 78 16.11 -27.06 -1.22
C ASP B 78 14.80 -26.82 -2.00
N GLY B 79 14.16 -25.70 -1.73
CA GLY B 79 12.93 -25.30 -2.42
C GLY B 79 11.65 -25.87 -1.83
N THR B 80 11.74 -26.69 -0.79
CA THR B 80 10.54 -27.29 -0.22
C THR B 80 10.02 -26.45 0.94
N PRO B 81 8.68 -26.37 1.12
CA PRO B 81 8.16 -25.51 2.20
C PRO B 81 8.59 -25.98 3.58
N ASN B 82 8.91 -25.05 4.45
CA ASN B 82 9.26 -25.42 5.84
C ASN B 82 7.99 -25.21 6.70
N GLU B 83 7.35 -26.31 7.06
CA GLU B 83 6.06 -26.27 7.73
C GLU B 83 6.16 -25.77 9.16
N LYS B 84 7.33 -25.96 9.78
CA LYS B 84 7.53 -25.44 11.16
C LYS B 84 7.67 -23.91 11.14
N TYR B 85 8.36 -23.39 10.14
CA TYR B 85 8.47 -21.95 9.92
C TYR B 85 7.05 -21.37 9.69
N LEU B 86 6.31 -21.92 8.71
CA LEU B 86 4.93 -21.48 8.47
C LEU B 86 4.06 -21.49 9.77
N ALA B 87 4.12 -22.58 10.52
CA ALA B 87 3.30 -22.73 11.74
C ALA B 87 3.67 -21.70 12.85
N ALA B 88 4.95 -21.41 12.99
CA ALA B 88 5.40 -20.48 14.02
C ALA B 88 4.99 -19.06 13.64
N VAL B 89 5.20 -18.72 12.36
CA VAL B 89 4.81 -17.39 11.90
C VAL B 89 3.29 -17.21 12.00
N ARG B 90 2.56 -18.28 11.71
CA ARG B 90 1.11 -18.22 11.73
C ARG B 90 0.61 -17.77 13.12
N LYS B 91 1.25 -18.27 14.18
CA LYS B 91 0.86 -17.88 15.55
C LYS B 91 1.06 -16.39 15.78
N ARG B 92 2.13 -15.83 15.22
CA ARG B 92 2.38 -14.40 15.40
C ARG B 92 1.47 -13.55 14.50
N PHE B 93 1.14 -14.07 13.32
CA PHE B 93 0.23 -13.37 12.44
C PHE B 93 -1.14 -13.29 13.10
N SER B 94 -1.54 -14.40 13.70
CA SER B 94 -2.81 -14.44 14.46
C SER B 94 -2.86 -13.34 15.53
N ARG B 95 -1.76 -13.22 16.29
CA ARG B 95 -1.61 -12.17 17.26
C ARG B 95 -1.64 -10.76 16.69
N TRP B 96 -1.04 -10.61 15.51
CA TRP B 96 -1.02 -9.32 14.81
C TRP B 96 -2.43 -8.84 14.49
N ILE B 97 -3.31 -9.75 14.12
CA ILE B 97 -4.72 -9.37 13.87
C ILE B 97 -5.31 -8.71 15.11
N LEU B 98 -5.05 -9.31 16.27
CA LEU B 98 -5.55 -8.73 17.54
C LEU B 98 -4.84 -7.44 17.88
N ASP B 99 -3.54 -7.40 17.69
CA ASP B 99 -2.76 -6.20 18.05
C ASP B 99 -3.22 -5.00 17.24
N THR B 100 -3.44 -5.22 15.93
CA THR B 100 -3.84 -4.14 15.07
C THR B 100 -5.15 -3.52 15.59
N SER B 101 -6.07 -4.37 16.04
CA SER B 101 -7.35 -3.91 16.54
CA SER B 101 -7.34 -3.87 16.53
C SER B 101 -7.34 -3.41 18.01
N ASN B 102 -6.39 -3.90 18.81
CA ASN B 102 -6.46 -3.68 20.26
C ASN B 102 -5.38 -2.83 20.93
N ARG B 103 -4.20 -2.78 20.32
CA ARG B 103 -3.12 -1.99 20.89
C ARG B 103 -3.34 -0.51 20.68
N SER B 104 -2.97 0.30 21.66
CA SER B 104 -2.74 1.73 21.39
CA SER B 104 -2.73 1.72 21.41
C SER B 104 -1.56 1.84 20.45
N TYR B 105 -1.69 2.70 19.44
CA TYR B 105 -0.60 2.90 18.49
C TYR B 105 0.38 3.91 19.08
N ASP B 106 1.13 3.46 20.11
CA ASP B 106 2.07 4.26 20.86
C ASP B 106 3.51 3.86 20.56
N GLN B 107 4.46 4.27 21.40
CA GLN B 107 5.87 3.98 21.09
C GLN B 107 6.19 2.51 21.08
N ALA B 108 5.56 1.76 22.00
CA ALA B 108 5.72 0.32 22.05
C ALA B 108 5.25 -0.36 20.76
N TRP B 109 4.08 0.06 20.27
CA TRP B 109 3.58 -0.37 18.97
C TRP B 109 4.56 -0.03 17.87
N LEU B 110 5.08 1.18 17.86
CA LEU B 110 5.98 1.61 16.76
C LEU B 110 7.29 0.81 16.80
N ASP B 111 7.80 0.53 18.00
CA ASP B 111 8.98 -0.30 18.12
C ASP B 111 8.74 -1.72 17.53
N TYR B 112 7.52 -2.28 17.73
CA TYR B 112 7.23 -3.58 17.16
C TYR B 112 7.04 -3.48 15.68
N GLN B 113 6.53 -2.36 15.19
CA GLN B 113 6.38 -2.20 13.74
CA GLN B 113 6.40 -2.12 13.74
C GLN B 113 7.73 -2.22 13.05
N TYR B 114 8.74 -1.58 13.65
CA TYR B 114 10.09 -1.60 13.12
C TYR B 114 10.60 -3.05 13.11
N GLU B 115 10.38 -3.75 14.23
CA GLU B 115 10.74 -5.15 14.31
C GLU B 115 10.09 -6.04 13.23
N ILE B 116 8.80 -5.81 12.94
CA ILE B 116 8.13 -6.64 11.93
C ILE B 116 8.73 -6.39 10.55
N GLY B 117 9.05 -5.12 10.27
CA GLY B 117 9.69 -4.79 8.98
C GLY B 117 11.05 -5.46 8.89
N LEU B 118 11.82 -5.43 9.99
CA LEU B 118 13.14 -6.07 10.03
C LEU B 118 13.07 -7.59 9.77
N ARG B 119 11.98 -8.22 10.22
CA ARG B 119 11.81 -9.67 10.11
C ARG B 119 11.43 -10.08 8.66
N HIS B 120 10.76 -9.20 7.93
CA HIS B 120 10.47 -9.48 6.50
C HIS B 120 11.76 -9.25 5.68
N HIS B 121 12.52 -8.25 6.13
CA HIS B 121 13.77 -7.87 5.49
C HIS B 121 14.91 -8.85 5.82
N ARG B 122 16.00 -8.79 5.06
CA ARG B 122 17.15 -9.66 5.32
C ARG B 122 17.79 -9.40 6.71
N THR B 123 17.59 -8.18 7.24
CA THR B 123 18.13 -7.81 8.56
C THR B 123 17.84 -8.88 9.62
N LYS B 124 16.58 -9.31 9.73
CA LYS B 124 16.23 -10.29 10.77
C LYS B 124 15.46 -11.51 10.28
N LYS B 125 15.17 -11.60 8.98
CA LYS B 125 14.36 -12.73 8.56
C LYS B 125 15.06 -14.03 8.88
N ASN B 126 14.27 -15.03 9.27
CA ASN B 126 14.73 -16.41 9.61
C ASN B 126 15.38 -16.56 10.96
N GLN B 127 15.59 -15.44 11.66
CA GLN B 127 16.26 -15.48 12.96
C GLN B 127 15.32 -15.79 14.10
N THR B 128 14.09 -15.27 14.00
CA THR B 128 13.13 -15.44 15.11
C THR B 128 12.82 -16.90 15.42
N ASP B 129 12.59 -17.67 14.37
CA ASP B 129 12.28 -19.07 14.51
C ASP B 129 13.50 -19.98 14.33
N ASN B 130 14.67 -19.35 14.15
CA ASN B 130 15.90 -20.07 13.96
C ASN B 130 15.76 -21.10 12.85
N VAL B 131 15.34 -20.62 11.69
CA VAL B 131 15.13 -21.49 10.55
C VAL B 131 16.07 -21.09 9.43
N GLU B 132 16.20 -21.97 8.45
CA GLU B 132 16.98 -21.65 7.26
C GLU B 132 16.07 -21.53 6.04
N SER B 133 16.06 -20.34 5.43
CA SER B 133 15.09 -20.05 4.39
C SER B 133 15.63 -18.94 3.49
N VAL B 134 14.80 -18.45 2.59
CA VAL B 134 15.26 -17.39 1.69
CA VAL B 134 15.12 -17.32 1.69
C VAL B 134 15.64 -16.14 2.52
N PRO B 135 16.70 -15.44 2.07
CA PRO B 135 17.22 -14.38 2.99
C PRO B 135 16.38 -13.11 3.04
N ASN B 136 15.61 -12.78 1.99
CA ASN B 136 14.93 -11.50 1.97
C ASN B 136 13.59 -11.64 1.32
N ILE B 137 12.59 -10.95 1.85
CA ILE B 137 11.32 -10.84 1.09
C ILE B 137 11.30 -9.58 0.27
N GLY B 138 11.37 -9.73 -1.07
CA GLY B 138 11.40 -8.56 -1.93
C GLY B 138 10.33 -7.57 -1.57
N TYR B 139 10.73 -6.31 -1.43
CA TYR B 139 9.79 -5.25 -1.01
C TYR B 139 8.54 -5.15 -1.86
N ARG B 140 8.74 -5.37 -3.15
CA ARG B 140 7.62 -5.29 -4.09
C ARG B 140 6.38 -6.05 -3.58
N TYR B 141 6.59 -7.19 -2.90
CA TYR B 141 5.49 -8.03 -2.40
C TYR B 141 4.89 -7.54 -1.09
N LEU B 142 5.66 -6.83 -0.28
CA LEU B 142 5.08 -6.28 0.97
C LEU B 142 4.01 -5.25 0.62
N VAL B 143 4.31 -4.36 -0.33
CA VAL B 143 3.36 -3.39 -0.77
C VAL B 143 2.16 -4.11 -1.42
N ALA B 144 2.48 -5.01 -2.38
CA ALA B 144 1.41 -5.78 -3.09
C ALA B 144 0.43 -6.38 -2.09
N PHE B 145 0.98 -6.92 -1.00
CA PHE B 145 0.17 -7.67 -0.03
C PHE B 145 -0.85 -6.84 0.74
N ILE B 146 -0.74 -5.51 0.68
CA ILE B 146 -1.80 -4.65 1.25
C ILE B 146 -3.15 -5.10 0.68
N TYR B 147 -3.19 -5.34 -0.64
CA TYR B 147 -4.46 -5.70 -1.25
C TYR B 147 -5.06 -7.03 -0.72
N PRO B 148 -4.34 -8.16 -0.87
CA PRO B 148 -4.94 -9.41 -0.45
C PRO B 148 -5.17 -9.50 1.05
N ILE B 149 -4.43 -8.73 1.83
CA ILE B 149 -4.77 -8.71 3.31
C ILE B 149 -6.20 -8.16 3.47
N THR B 150 -6.48 -7.04 2.80
CA THR B 150 -7.79 -6.43 2.95
C THR B 150 -8.90 -7.32 2.34
N ALA B 151 -8.56 -7.97 1.23
CA ALA B 151 -9.56 -8.81 0.57
C ALA B 151 -9.86 -10.07 1.34
N THR B 152 -8.88 -10.56 2.09
CA THR B 152 -9.16 -11.74 2.91
CA THR B 152 -9.06 -11.72 2.97
C THR B 152 -9.96 -11.33 4.16
N MET B 153 -9.73 -10.14 4.70
CA MET B 153 -10.49 -9.73 5.90
C MET B 153 -11.96 -9.42 5.59
N LYS B 154 -12.21 -8.84 4.43
CA LYS B 154 -13.52 -8.25 4.11
CA LYS B 154 -13.51 -8.25 4.14
C LYS B 154 -14.72 -9.15 4.41
N PRO B 155 -14.70 -10.43 3.90
CA PRO B 155 -15.91 -11.25 4.09
C PRO B 155 -16.16 -11.53 5.57
N PHE B 156 -15.09 -11.66 6.34
CA PHE B 156 -15.23 -12.01 7.78
C PHE B 156 -15.83 -10.86 8.58
N LEU B 157 -15.70 -9.63 8.07
CA LEU B 157 -16.14 -8.48 8.82
C LEU B 157 -17.66 -8.37 8.91
N ALA B 158 -18.35 -9.11 8.03
CA ALA B 158 -19.79 -9.10 7.91
C ALA B 158 -20.45 -10.11 8.83
N ARG B 159 -19.66 -10.99 9.45
CA ARG B 159 -20.19 -12.24 10.03
C ARG B 159 -20.71 -12.12 11.48
N LYS B 160 -20.77 -10.90 12.03
CA LYS B 160 -21.42 -10.67 13.33
C LYS B 160 -22.70 -9.87 13.19
N GLY B 161 -23.17 -9.72 11.95
CA GLY B 161 -24.44 -9.03 11.64
C GLY B 161 -24.44 -7.53 11.85
N HIS B 162 -23.26 -6.92 11.81
CA HIS B 162 -23.17 -5.48 11.78
C HIS B 162 -23.83 -4.95 10.50
N THR B 163 -24.27 -3.70 10.52
CA THR B 163 -24.93 -3.11 9.36
C THR B 163 -23.88 -2.96 8.25
N PRO B 164 -24.33 -2.89 6.99
CA PRO B 164 -23.43 -2.70 5.83
C PRO B 164 -22.56 -1.47 6.01
N GLU B 165 -23.09 -0.45 6.66
CA GLU B 165 -22.35 0.77 6.86
C GLU B 165 -21.23 0.53 7.87
N GLU B 166 -21.54 -0.20 8.93
CA GLU B 166 -20.53 -0.54 9.93
C GLU B 166 -19.44 -1.46 9.35
N VAL B 167 -19.84 -2.43 8.53
CA VAL B 167 -18.89 -3.37 7.90
C VAL B 167 -17.94 -2.58 7.01
N GLU B 168 -18.51 -1.65 6.21
CA GLU B 168 -17.71 -0.81 5.33
C GLU B 168 -16.71 0.02 6.15
N LYS B 169 -17.15 0.55 7.30
CA LYS B 169 -16.24 1.36 8.14
C LYS B 169 -15.14 0.50 8.75
N MET B 170 -15.49 -0.72 9.15
CA MET B 170 -14.51 -1.66 9.73
C MET B 170 -13.48 -2.04 8.67
N TYR B 171 -13.95 -2.34 7.47
CA TYR B 171 -13.09 -2.64 6.33
C TYR B 171 -12.16 -1.47 5.97
N GLN B 172 -12.70 -0.25 5.95
CA GLN B 172 -11.87 0.91 5.64
C GLN B 172 -10.84 1.15 6.70
N ALA B 173 -11.23 0.98 7.97
CA ALA B 173 -10.26 1.13 9.03
C ALA B 173 -9.14 0.10 8.86
N TRP B 174 -9.49 -1.14 8.57
CA TRP B 174 -8.51 -2.17 8.40
C TRP B 174 -7.54 -1.83 7.28
N PHE B 175 -8.10 -1.31 6.20
CA PHE B 175 -7.29 -0.93 5.04
C PHE B 175 -6.29 0.20 5.40
N LYS B 176 -6.80 1.26 6.03
CA LYS B 176 -5.92 2.31 6.54
C LYS B 176 -4.82 1.77 7.44
N ALA B 177 -5.20 0.88 8.38
CA ALA B 177 -4.22 0.43 9.33
C ALA B 177 -3.20 -0.53 8.74
N THR B 178 -3.61 -1.26 7.68
CA THR B 178 -2.71 -2.17 7.04
C THR B 178 -1.72 -1.34 6.20
N THR B 179 -2.23 -0.35 5.50
CA THR B 179 -1.37 0.53 4.69
C THR B 179 -0.34 1.26 5.55
N LEU B 180 -0.81 1.75 6.70
CA LEU B 180 0.06 2.47 7.64
C LEU B 180 1.22 1.60 8.08
N GLN B 181 0.92 0.36 8.47
CA GLN B 181 1.95 -0.56 8.91
C GLN B 181 2.95 -0.90 7.78
N VAL B 182 2.46 -1.26 6.60
CA VAL B 182 3.39 -1.57 5.51
C VAL B 182 4.31 -0.37 5.19
N ALA B 183 3.78 0.85 5.26
CA ALA B 183 4.59 2.07 5.11
C ALA B 183 5.77 2.04 6.08
N LEU B 184 5.47 1.78 7.35
CA LEU B 184 6.48 1.75 8.37
C LEU B 184 7.49 0.61 8.13
N TRP B 185 6.99 -0.54 7.68
CA TRP B 185 7.87 -1.68 7.39
C TRP B 185 8.87 -1.44 6.28
N SER B 186 8.62 -0.45 5.45
CA SER B 186 9.50 -0.15 4.32
C SER B 186 10.86 0.33 4.82
N TYR B 187 10.90 0.77 6.08
CA TYR B 187 12.11 1.45 6.56
C TYR B 187 13.43 0.71 6.22
N PRO B 188 13.57 -0.59 6.61
CA PRO B 188 14.89 -1.19 6.38
C PRO B 188 15.19 -1.43 4.88
N TYR B 189 14.14 -1.38 4.05
CA TYR B 189 14.31 -1.61 2.62
C TYR B 189 14.70 -0.39 1.87
N VAL B 190 14.35 0.78 2.41
CA VAL B 190 14.51 2.03 1.64
C VAL B 190 15.91 2.62 1.80
N LYS B 191 16.48 3.11 0.67
CA LYS B 191 17.80 3.76 0.69
C LYS B 191 17.83 4.81 1.79
N TYR B 192 18.93 4.80 2.56
CA TYR B 192 19.01 5.66 3.72
C TYR B 192 18.78 7.12 3.36
N GLY B 193 17.84 7.75 4.09
CA GLY B 193 17.43 9.12 3.81
C GLY B 193 16.26 9.34 2.85
N ASP B 194 15.80 8.28 2.19
CA ASP B 194 14.67 8.36 1.23
C ASP B 194 13.30 7.97 1.80
N PHE B 195 13.24 7.65 3.10
CA PHE B 195 12.02 7.15 3.69
C PHE B 195 11.08 8.29 4.16
CHA HEM C . 3.71 13.33 -9.72
CHB HEM C . 0.24 9.96 -8.81
CHC HEM C . 2.07 9.74 -4.34
CHD HEM C . 3.31 14.38 -5.00
C1A HEM C . 2.72 12.38 -9.89
C2A HEM C . 2.10 11.98 -11.13
C3A HEM C . 1.17 11.05 -10.87
C4A HEM C . 1.09 10.86 -9.44
CMA HEM C . 0.26 10.30 -11.88
CAA HEM C . 2.57 12.54 -12.51
CBA HEM C . 3.48 11.50 -13.16
CGA HEM C . 4.02 11.96 -14.48
O1A HEM C . 3.50 11.50 -15.53
O2A HEM C . 4.95 12.78 -14.46
C1B HEM C . 0.49 9.50 -7.54
C2B HEM C . -0.05 8.33 -6.91
C3B HEM C . 0.47 8.25 -5.64
C4B HEM C . 1.33 9.42 -5.47
CMB HEM C . -1.04 7.34 -7.54
CAB HEM C . 0.29 7.17 -4.57
CBB HEM C . -0.61 6.18 -4.59
C1C HEM C . 2.45 11.03 -4.06
C2C HEM C . 2.74 11.63 -2.81
C3C HEM C . 3.02 12.91 -2.98
C4C HEM C . 3.01 13.17 -4.42
CMC HEM C . 2.68 10.91 -1.43
CAC HEM C . 3.34 13.88 -1.84
CBC HEM C . 2.61 15.02 -1.77
C1D HEM C . 3.77 14.45 -6.30
C2D HEM C . 4.72 15.39 -6.80
C3D HEM C . 4.85 15.05 -8.28
C4D HEM C . 3.94 13.95 -8.50
CMD HEM C . 5.46 16.49 -6.02
CAD HEM C . 5.80 15.68 -9.30
CBD HEM C . 7.12 14.88 -9.17
CGD HEM C . 8.03 15.48 -10.21
O1D HEM C . 8.74 16.50 -9.90
O2D HEM C . 8.00 15.01 -11.38
NA HEM C . 2.04 11.74 -8.89
NB HEM C . 1.34 10.16 -6.67
NC HEM C . 2.63 11.98 -5.02
ND HEM C . 3.33 13.60 -7.28
FE HEM C . 2.32 11.86 -6.96
C CYN D . 0.53 13.05 -6.76
N CYN D . -0.33 13.75 -6.78
C1 GOL E . 18.66 23.44 -5.35
O1 GOL E . 19.42 24.38 -6.10
C2 GOL E . 17.18 23.84 -5.27
O2 GOL E . 17.04 25.27 -5.29
C3 GOL E . 16.42 23.27 -6.48
O3 GOL E . 15.30 22.48 -6.13
C1 GOL F . 1.16 -7.72 -18.17
O1 GOL F . -0.04 -7.09 -17.77
C2 GOL F . 1.44 -8.97 -17.34
O2 GOL F . 2.66 -9.51 -17.80
C3 GOL F . 0.30 -9.92 -17.68
O3 GOL F . 0.26 -10.99 -16.78
C1 GOL G . -14.88 -8.85 -11.98
O1 GOL G . -14.28 -8.27 -10.82
C2 GOL G . -15.94 -9.92 -11.66
O2 GOL G . -15.66 -11.18 -12.25
C3 GOL G . -17.27 -9.43 -12.22
O3 GOL G . -18.14 -10.49 -12.59
P PO4 H . 15.74 15.36 2.03
O1 PO4 H . 14.95 16.67 1.91
O2 PO4 H . 16.03 15.09 3.49
O3 PO4 H . 15.02 14.19 1.34
O4 PO4 H . 17.07 15.63 1.33
CHA HEM I . 6.03 -12.61 9.21
CHB HEM I . 2.06 -9.86 8.26
CHC HEM I . 3.88 -9.35 3.83
CHD HEM I . 5.81 -13.75 4.53
C1A HEM I . 4.89 -11.86 9.39
C2A HEM I . 4.24 -11.50 10.62
C3A HEM I . 3.17 -10.76 10.34
C4A HEM I . 3.07 -10.59 8.92
CMA HEM I . 2.15 -10.15 11.32
CAA HEM I . 4.72 -11.95 12.00
CBA HEM I . 5.45 -10.79 12.67
CGA HEM I . 6.05 -11.18 14.01
O1A HEM I . 5.46 -10.83 15.07
O2A HEM I . 7.10 -11.84 14.00
C1B HEM I . 2.20 -9.38 6.98
C2B HEM I . 1.47 -8.33 6.33
C3B HEM I . 1.99 -8.15 5.08
C4B HEM I . 3.03 -9.16 4.91
CMB HEM I . 0.29 -7.55 7.00
CAB HEM I . 1.58 -7.15 4.00
CBB HEM I . 0.45 -6.46 4.01
C1C HEM I . 4.49 -10.55 3.59
C2C HEM I . 4.89 -11.08 2.34
C3C HEM I . 5.37 -12.30 2.52
C4C HEM I . 5.36 -12.60 3.95
CMC HEM I . 4.73 -10.34 0.98
CAC HEM I . 5.85 -13.19 1.38
CBC HEM I . 5.38 -14.46 1.38
C1D HEM I . 6.26 -13.74 5.83
C2D HEM I . 7.35 -14.50 6.31
C3D HEM I . 7.41 -14.13 7.78
C4D HEM I . 6.35 -13.18 8.01
CMD HEM I . 8.23 -15.48 5.52
CAD HEM I . 8.46 -14.64 8.72
CBD HEM I . 9.59 -13.58 8.71
CGD HEM I . 10.64 -14.02 9.76
O1D HEM I . 11.50 -14.90 9.47
O2D HEM I . 10.61 -13.53 10.93
NA HEM I . 4.12 -11.32 8.38
NB HEM I . 3.17 -9.84 6.15
NC HEM I . 4.81 -11.48 4.54
ND HEM I . 5.70 -12.95 6.78
FE HEM I . 4.42 -11.42 6.45
C CYN J . 2.92 -12.94 6.29
N CYN J . 2.10 -13.70 6.41
C1 GOL K . -0.94 -23.20 4.50
O1 GOL K . 0.00 -23.22 5.55
C2 GOL K . -2.30 -23.51 5.11
O2 GOL K . -2.58 -22.59 6.15
C3 GOL K . -3.35 -23.54 4.00
O3 GOL K . -4.60 -23.00 4.40
C1 GOL L . 15.70 7.83 10.20
O1 GOL L . 15.80 7.93 8.79
C2 GOL L . 14.37 8.37 10.71
O2 GOL L . 14.48 9.76 10.99
C3 GOL L . 13.22 8.10 9.75
O3 GOL L . 11.99 8.40 10.35
#